data_4ZME
#
_entry.id   4ZME
#
_cell.length_a   83.194
_cell.length_b   111.288
_cell.length_c   79.560
_cell.angle_alpha   90.000
_cell.angle_beta   90.000
_cell.angle_gamma   90.000
#
_symmetry.space_group_name_H-M   'P 21 21 2'
#
loop_
_entity.id
_entity.type
_entity.pdbx_description
1 polymer 'Myosin heavy chain kinase A'
2 non-polymer 'ZINC ION'
3 non-polymer ADENOSINE
4 non-polymer 'PHOSPHATE ION'
5 non-polymer 'TRIETHYLENE GLYCOL'
6 water water
#
_entity_poly.entity_id   1
_entity_poly.type   'polypeptide(L)'
_entity_poly.pdbx_seq_one_letter_code
;MGGHHHHHHGENLYFQGISSETGEMGILWEFDPIINKWIRLSMKLKVERKPFAEGALREAYHTVSLGVGTDENYPLGTTT
KLFPPIEMISPISKNNEAMTQLKNGTKFVLKLYKKEAEQQASRELYFEDVKMQMVCRDWGNKFNQKKPPKKIEFLMSWVV
ELIDRSPSSNGQPILCSIEPLLVGEFKKNNSNYGAVLTNRSTPQAFSHFTYELSNKQMIVVDIQGVDDLYT(PHD)PQIH
TPDGKGFGLGNLGKAGINKFITTHKCNAVCALLDLDVKLGGVLSGNNKKQLQQGTMVMPDILPELMPSDNT
;
_entity_poly.pdbx_strand_id   A,B
#
loop_
_chem_comp.id
_chem_comp.type
_chem_comp.name
_chem_comp.formula
ADN non-polymer ADENOSINE 'C10 H13 N5 O4'
PGE non-polymer 'TRIETHYLENE GLYCOL' 'C6 H14 O4'
PO4 non-polymer 'PHOSPHATE ION' 'O4 P -3'
ZN non-polymer 'ZINC ION' 'Zn 2'
#
# COMPACT_ATOMS: atom_id res chain seq x y z
N GLY A 17 -1.78 -12.61 -25.42
CA GLY A 17 -1.98 -13.98 -25.97
C GLY A 17 -0.65 -14.69 -26.13
N ILE A 18 -0.67 -16.00 -25.95
CA ILE A 18 0.53 -16.82 -26.08
C ILE A 18 0.83 -17.17 -27.54
N SER A 19 2.07 -16.94 -27.97
CA SER A 19 2.51 -17.23 -29.33
C SER A 19 2.64 -18.74 -29.60
N SER A 20 2.48 -19.14 -30.86
CA SER A 20 2.66 -20.55 -31.27
C SER A 20 4.14 -20.94 -31.49
N GLU A 21 5.05 -19.97 -31.44
CA GLU A 21 6.48 -20.23 -31.59
C GLU A 21 7.05 -21.13 -30.46
N THR A 22 8.22 -21.70 -30.71
CA THR A 22 8.85 -22.65 -29.79
C THR A 22 9.38 -21.97 -28.54
N GLY A 23 9.00 -22.52 -27.39
CA GLY A 23 9.45 -22.01 -26.11
C GLY A 23 8.90 -22.88 -25.02
N GLU A 24 9.08 -22.49 -23.77
CA GLU A 24 8.57 -23.28 -22.66
C GLU A 24 7.46 -22.51 -21.91
N MET A 25 6.51 -23.26 -21.39
CA MET A 25 5.37 -22.71 -20.68
C MET A 25 5.74 -22.44 -19.23
N GLY A 26 5.06 -21.47 -18.64
CA GLY A 26 5.16 -21.20 -17.21
C GLY A 26 3.87 -20.70 -16.59
N ILE A 27 3.68 -20.99 -15.31
CA ILE A 27 2.63 -20.34 -14.55
C ILE A 27 3.30 -19.09 -13.96
N LEU A 28 2.66 -17.94 -14.19
CA LEU A 28 3.18 -16.62 -13.84
C LEU A 28 2.37 -15.99 -12.72
N TRP A 29 3.06 -15.51 -11.68
CA TRP A 29 2.40 -14.95 -10.52
C TRP A 29 2.82 -13.48 -10.31
N GLU A 30 1.81 -12.61 -10.25
CA GLU A 30 2.01 -11.19 -9.94
C GLU A 30 1.38 -10.87 -8.61
N PHE A 31 2.12 -10.23 -7.71
CA PHE A 31 1.49 -9.78 -6.47
C PHE A 31 1.04 -8.33 -6.64
N ASP A 32 -0.17 -8.05 -6.22
CA ASP A 32 -0.69 -6.66 -6.19
C ASP A 32 -0.94 -6.18 -4.77
N PRO A 33 -0.05 -5.31 -4.25
CA PRO A 33 -0.16 -4.94 -2.84
C PRO A 33 -1.47 -4.22 -2.53
N ILE A 34 -2.04 -3.49 -3.46
CA ILE A 34 -3.18 -2.66 -3.11
C ILE A 34 -4.46 -3.45 -2.87
N ILE A 35 -4.58 -4.64 -3.47
CA ILE A 35 -5.69 -5.57 -3.14
C ILE A 35 -5.23 -6.71 -2.27
N ASN A 36 -3.93 -6.76 -2.00
CA ASN A 36 -3.34 -7.78 -1.16
C ASN A 36 -3.61 -9.19 -1.70
N LYS A 37 -3.42 -9.37 -2.98
CA LYS A 37 -3.67 -10.67 -3.61
C LYS A 37 -2.70 -10.93 -4.74
N TRP A 38 -2.45 -12.21 -4.95
CA TRP A 38 -1.73 -12.70 -6.11
C TRP A 38 -2.67 -12.89 -7.31
N ILE A 39 -2.12 -12.58 -8.47
CA ILE A 39 -2.79 -12.75 -9.73
C ILE A 39 -2.06 -13.87 -10.47
N ARG A 40 -2.79 -14.89 -10.91
CA ARG A 40 -2.21 -16.06 -11.58
C ARG A 40 -2.47 -16.06 -13.08
N LEU A 41 -1.40 -16.23 -13.86
CA LEU A 41 -1.45 -16.14 -15.28
C LEU A 41 -0.61 -17.26 -15.88
N SER A 42 -0.55 -17.36 -17.20
CA SER A 42 0.42 -18.23 -17.85
C SER A 42 1.29 -17.39 -18.78
N MET A 43 2.46 -17.90 -19.11
CA MET A 43 3.24 -17.28 -20.17
C MET A 43 4.08 -18.32 -20.88
N LYS A 44 4.62 -17.92 -22.02
CA LYS A 44 5.60 -18.73 -22.73
C LYS A 44 6.86 -17.90 -22.86
N LEU A 45 8.00 -18.56 -22.72
CA LEU A 45 9.30 -17.89 -22.74
C LEU A 45 10.41 -18.75 -23.36
N LYS A 46 11.46 -18.07 -23.77
CA LYS A 46 12.63 -18.72 -24.33
C LYS A 46 13.84 -18.19 -23.60
N VAL A 47 14.50 -19.07 -22.85
CA VAL A 47 15.59 -18.62 -22.00
C VAL A 47 16.91 -19.16 -22.54
N GLU A 48 17.93 -18.33 -22.53
CA GLU A 48 19.24 -18.73 -23.00
C GLU A 48 19.80 -19.89 -22.19
N ARG A 49 20.68 -20.66 -22.83
CA ARG A 49 21.27 -21.88 -22.25
C ARG A 49 22.17 -21.53 -21.09
N LYS A 50 22.95 -20.46 -21.24
CA LYS A 50 23.96 -20.10 -20.24
C LYS A 50 23.61 -18.78 -19.55
N PRO A 51 23.92 -18.67 -18.25
CA PRO A 51 23.64 -17.41 -17.56
C PRO A 51 24.61 -16.33 -17.99
N PHE A 52 24.21 -15.05 -17.89
CA PHE A 52 25.11 -13.93 -18.17
C PHE A 52 25.71 -13.30 -16.91
N ALA A 53 25.29 -13.76 -15.75
CA ALA A 53 25.80 -13.23 -14.49
C ALA A 53 25.42 -14.16 -13.37
N GLU A 54 26.07 -13.99 -12.22
CA GLU A 54 25.68 -14.75 -11.04
C GLU A 54 25.94 -14.00 -9.75
N GLY A 55 25.18 -14.36 -8.73
CA GLY A 55 25.35 -13.82 -7.39
C GLY A 55 25.73 -14.96 -6.48
N ALA A 56 25.56 -14.76 -5.17
CA ALA A 56 25.90 -15.77 -4.20
C ALA A 56 25.10 -17.05 -4.39
N LEU A 57 23.80 -16.93 -4.62
CA LEU A 57 22.90 -18.09 -4.64
C LEU A 57 22.22 -18.34 -5.97
N ARG A 58 22.13 -17.33 -6.84
CA ARG A 58 21.34 -17.45 -8.06
C ARG A 58 22.15 -17.05 -9.27
N GLU A 59 21.71 -17.53 -10.43
CA GLU A 59 22.26 -17.07 -11.70
C GLU A 59 21.20 -16.37 -12.50
N ALA A 60 21.62 -15.42 -13.34
CA ALA A 60 20.70 -14.69 -14.20
C ALA A 60 20.84 -15.09 -15.64
N TYR A 61 19.70 -15.23 -16.31
CA TYR A 61 19.64 -15.68 -17.70
C TYR A 61 18.85 -14.69 -18.52
N HIS A 62 19.35 -14.32 -19.70
CA HIS A 62 18.56 -13.57 -20.66
C HIS A 62 17.42 -14.41 -21.22
N THR A 63 16.26 -13.77 -21.34
CA THR A 63 15.05 -14.44 -21.75
C THR A 63 14.25 -13.51 -22.64
N VAL A 64 13.52 -14.10 -23.56
CA VAL A 64 12.56 -13.37 -24.37
C VAL A 64 11.15 -13.89 -24.08
N SER A 65 10.19 -13.00 -24.00
CA SER A 65 8.82 -13.39 -23.81
C SER A 65 8.16 -13.84 -25.11
N LEU A 66 7.40 -14.92 -25.04
CA LEU A 66 6.56 -15.34 -26.16
C LEU A 66 5.08 -15.13 -25.84
N GLY A 67 4.80 -14.19 -24.94
CA GLY A 67 3.43 -13.81 -24.65
C GLY A 67 2.91 -14.28 -23.31
N VAL A 68 1.85 -13.61 -22.87
CA VAL A 68 1.21 -13.83 -21.58
C VAL A 68 -0.25 -14.20 -21.82
N GLY A 69 -0.75 -15.18 -21.09
CA GLY A 69 -2.14 -15.64 -21.23
C GLY A 69 -2.79 -15.93 -19.89
N THR A 70 -3.98 -16.51 -19.93
CA THR A 70 -4.68 -16.82 -18.69
C THR A 70 -4.17 -18.17 -18.15
N ASP A 71 -4.56 -18.49 -16.92
CA ASP A 71 -4.16 -19.75 -16.28
C ASP A 71 -5.22 -20.83 -16.45
N GLU A 72 -6.18 -20.58 -17.33
CA GLU A 72 -7.34 -21.46 -17.54
C GLU A 72 -6.98 -22.93 -17.79
N ASN A 73 -5.93 -23.20 -18.57
CA ASN A 73 -5.52 -24.58 -18.84
C ASN A 73 -4.90 -25.34 -17.69
N TYR A 74 -4.51 -24.65 -16.61
CA TYR A 74 -3.74 -25.24 -15.54
C TYR A 74 -4.41 -25.10 -14.18
N PRO A 75 -5.42 -25.92 -13.90
CA PRO A 75 -6.15 -25.77 -12.64
C PRO A 75 -5.32 -25.96 -11.40
N LEU A 76 -5.69 -25.25 -10.34
CA LEU A 76 -4.93 -25.26 -9.08
C LEU A 76 -5.13 -26.53 -8.27
N GLY A 77 -6.32 -27.11 -8.35
CA GLY A 77 -6.65 -28.28 -7.54
C GLY A 77 -7.14 -27.93 -6.13
N THR A 78 -7.19 -28.92 -5.23
CA THR A 78 -7.72 -28.67 -3.88
C THR A 78 -6.75 -27.83 -3.04
N THR A 79 -7.35 -27.01 -2.17
CA THR A 79 -6.62 -26.08 -1.32
C THR A 79 -6.34 -26.74 0.03
N THR A 80 -5.42 -27.69 0.01
CA THR A 80 -4.82 -28.16 1.24
C THR A 80 -3.35 -28.15 0.88
N LYS A 81 -2.58 -27.37 1.64
CA LYS A 81 -1.19 -27.10 1.32
C LYS A 81 -1.02 -26.52 -0.11
N LEU A 82 -1.89 -25.58 -0.47
CA LEU A 82 -1.67 -24.70 -1.61
C LEU A 82 -0.91 -23.45 -1.13
N PHE A 83 0.22 -23.11 -1.75
CA PHE A 83 0.88 -21.82 -1.49
C PHE A 83 1.05 -21.04 -2.81
N PRO A 84 0.52 -19.83 -2.88
CA PRO A 84 -0.19 -19.16 -1.79
C PRO A 84 -1.59 -19.75 -1.54
N PRO A 85 -2.14 -19.51 -0.33
CA PRO A 85 -3.45 -20.08 -0.01
C PRO A 85 -4.54 -19.42 -0.84
N ILE A 86 -5.60 -20.16 -1.14
CA ILE A 86 -6.65 -19.70 -2.03
C ILE A 86 -7.19 -18.30 -1.68
N GLU A 87 -7.26 -18.01 -0.39
CA GLU A 87 -7.77 -16.70 0.05
C GLU A 87 -6.82 -15.54 -0.30
N MET A 88 -5.59 -15.85 -0.70
CA MET A 88 -4.66 -14.82 -1.14
C MET A 88 -4.59 -14.70 -2.67
N ILE A 89 -5.47 -15.40 -3.39
CA ILE A 89 -5.43 -15.41 -4.83
C ILE A 89 -6.63 -14.67 -5.38
N SER A 90 -6.39 -13.75 -6.31
CA SER A 90 -7.48 -13.04 -6.96
C SER A 90 -8.25 -14.03 -7.86
N PRO A 91 -9.61 -14.04 -7.78
CA PRO A 91 -10.39 -14.85 -8.71
C PRO A 91 -10.33 -14.35 -10.15
N ILE A 92 -9.97 -13.09 -10.35
CA ILE A 92 -9.97 -12.44 -11.65
C ILE A 92 -8.55 -11.90 -11.95
N SER A 93 -8.12 -12.02 -13.20
CA SER A 93 -6.77 -11.64 -13.58
C SER A 93 -6.71 -10.84 -14.89
N LYS A 94 -7.81 -10.17 -15.23
CA LYS A 94 -7.89 -9.39 -16.47
C LYS A 94 -6.90 -8.21 -16.52
N ASN A 95 -6.61 -7.65 -15.36
CA ASN A 95 -5.68 -6.54 -15.30
C ASN A 95 -4.45 -6.91 -14.51
N ASN A 96 -3.30 -6.50 -15.03
CA ASN A 96 -2.02 -6.81 -14.45
C ASN A 96 -0.92 -6.08 -15.19
N GLU A 97 0.21 -5.90 -14.54
CA GLU A 97 1.40 -5.33 -15.20
C GLU A 97 2.00 -6.26 -16.26
N ALA A 98 1.94 -7.56 -16.06
CA ALA A 98 2.64 -8.50 -16.93
C ALA A 98 2.25 -8.41 -18.39
N MET A 99 0.98 -8.20 -18.65
CA MET A 99 0.45 -8.20 -20.01
C MET A 99 1.04 -7.08 -20.87
N THR A 100 1.51 -5.99 -20.26
CA THR A 100 2.23 -4.97 -21.03
C THR A 100 3.75 -5.12 -20.87
N GLN A 101 4.23 -5.30 -19.64
CA GLN A 101 5.67 -5.38 -19.38
C GLN A 101 6.35 -6.69 -19.85
N LEU A 102 5.57 -7.74 -20.08
CA LEU A 102 6.11 -9.00 -20.58
C LEU A 102 5.42 -9.43 -21.89
N LYS A 103 4.98 -8.45 -22.67
CA LYS A 103 4.35 -8.76 -23.95
C LYS A 103 5.32 -9.42 -24.91
N ASN A 104 4.77 -10.05 -25.93
CA ASN A 104 5.58 -10.84 -26.84
C ASN A 104 6.78 -10.05 -27.38
N GLY A 105 7.97 -10.65 -27.36
CA GLY A 105 9.18 -9.99 -27.86
C GLY A 105 10.04 -9.33 -26.80
N THR A 106 9.46 -9.07 -25.63
CA THR A 106 10.17 -8.37 -24.56
C THR A 106 11.37 -9.15 -24.08
N LYS A 107 12.50 -8.48 -23.95
CA LYS A 107 13.69 -9.09 -23.38
C LYS A 107 13.69 -8.87 -21.89
N PHE A 108 13.93 -9.93 -21.12
CA PHE A 108 13.89 -9.79 -19.68
C PHE A 108 14.87 -10.73 -19.00
N VAL A 109 14.86 -10.74 -17.68
CA VAL A 109 15.83 -11.50 -16.92
C VAL A 109 15.14 -12.56 -16.08
N LEU A 110 15.70 -13.77 -16.09
CA LEU A 110 15.24 -14.88 -15.25
C LEU A 110 16.33 -15.29 -14.26
N LYS A 111 15.96 -15.51 -13.02
CA LYS A 111 16.91 -15.90 -11.99
C LYS A 111 16.56 -17.26 -11.39
N LEU A 112 17.55 -18.14 -11.37
CA LEU A 112 17.40 -19.51 -10.85
C LEU A 112 18.35 -19.75 -9.72
N TYR A 113 17.93 -20.49 -8.69
CA TYR A 113 18.85 -20.88 -7.65
C TYR A 113 19.83 -21.92 -8.19
N LYS A 114 21.11 -21.72 -7.90
CA LYS A 114 22.17 -22.68 -8.23
C LYS A 114 22.05 -24.00 -7.46
N LYS A 115 22.77 -25.00 -7.96
CA LYS A 115 23.27 -26.16 -7.16
C LYS A 115 22.29 -26.71 -6.15
N GLN A 119 20.41 -24.54 -3.18
CA GLN A 119 18.98 -24.75 -2.99
C GLN A 119 18.58 -25.05 -1.54
N GLN A 120 18.49 -23.95 -0.79
CA GLN A 120 17.87 -23.83 0.52
C GLN A 120 16.61 -22.98 0.29
N ALA A 121 15.89 -23.29 -0.79
CA ALA A 121 14.76 -22.48 -1.26
C ALA A 121 13.45 -23.25 -1.30
N SER A 122 12.58 -23.05 -0.33
CA SER A 122 11.24 -23.58 -0.38
C SER A 122 10.39 -22.79 -1.38
N ARG A 123 9.23 -23.34 -1.70
CA ARG A 123 8.25 -22.68 -2.55
C ARG A 123 7.89 -21.28 -2.00
N GLU A 124 7.66 -21.24 -0.69
CA GLU A 124 7.33 -20.04 0.06
C GLU A 124 8.34 -18.94 -0.15
N LEU A 125 9.61 -19.28 -0.21
CA LEU A 125 10.70 -18.30 -0.40
C LEU A 125 10.60 -17.51 -1.68
N TYR A 126 10.21 -18.16 -2.77
CA TYR A 126 10.09 -17.46 -4.04
C TYR A 126 8.99 -16.41 -3.94
N PHE A 127 7.87 -16.77 -3.34
CA PHE A 127 6.77 -15.83 -3.20
C PHE A 127 7.10 -14.72 -2.21
N GLU A 128 7.79 -15.03 -1.12
CA GLU A 128 8.17 -14.01 -0.14
C GLU A 128 9.07 -12.97 -0.76
N ASP A 129 10.00 -13.41 -1.56
CA ASP A 129 11.01 -12.53 -2.10
C ASP A 129 10.41 -11.55 -3.11
N VAL A 130 9.50 -12.08 -3.92
CA VAL A 130 8.80 -11.27 -4.92
C VAL A 130 7.85 -10.31 -4.24
N LYS A 131 7.06 -10.80 -3.28
CA LYS A 131 6.21 -9.88 -2.50
C LYS A 131 7.07 -8.79 -1.87
N MET A 132 8.26 -9.16 -1.40
CA MET A 132 9.18 -8.21 -0.75
C MET A 132 9.57 -7.10 -1.70
N GLN A 133 9.84 -7.46 -2.95
CA GLN A 133 10.17 -6.48 -3.96
C GLN A 133 8.98 -5.54 -4.27
N MET A 134 7.78 -6.08 -4.33
CA MET A 134 6.57 -5.26 -4.50
C MET A 134 6.33 -4.31 -3.32
N VAL A 135 6.64 -4.73 -2.10
CA VAL A 135 6.53 -3.85 -0.95
C VAL A 135 7.56 -2.70 -1.08
N CYS A 136 8.78 -3.03 -1.50
CA CYS A 136 9.82 -2.01 -1.65
C CYS A 136 9.43 -1.02 -2.76
N ARG A 137 8.80 -1.53 -3.81
CA ARG A 137 8.26 -0.74 -4.91
C ARG A 137 7.26 0.27 -4.39
N ASP A 138 6.40 -0.12 -3.45
CA ASP A 138 5.52 0.84 -2.80
C ASP A 138 6.31 1.92 -2.04
N TRP A 139 7.36 1.53 -1.34
CA TRP A 139 8.17 2.47 -0.59
C TRP A 139 8.86 3.48 -1.51
N GLY A 140 9.28 3.02 -2.69
CA GLY A 140 9.83 3.90 -3.72
C GLY A 140 8.89 5.00 -4.12
N ASN A 141 7.61 4.68 -4.33
CA ASN A 141 6.58 5.67 -4.65
C ASN A 141 6.32 6.64 -3.51
N LYS A 142 6.34 6.14 -2.29
CA LYS A 142 6.18 6.97 -1.12
C LYS A 142 7.34 7.98 -1.00
N PHE A 143 8.55 7.53 -1.30
CA PHE A 143 9.73 8.37 -1.26
C PHE A 143 9.62 9.47 -2.32
N ASN A 144 9.26 9.07 -3.53
CA ASN A 144 9.11 9.99 -4.64
C ASN A 144 8.06 11.06 -4.41
N GLN A 145 7.04 10.75 -3.62
CA GLN A 145 6.02 11.75 -3.31
C GLN A 145 6.58 12.91 -2.52
N LYS A 146 7.68 12.72 -1.80
CA LYS A 146 8.35 13.83 -1.13
C LYS A 146 9.14 14.74 -2.09
N LYS A 147 9.11 14.45 -3.38
CA LYS A 147 9.81 15.24 -4.38
C LYS A 147 11.29 15.41 -4.08
N PRO A 148 12.01 14.29 -3.96
CA PRO A 148 13.43 14.32 -3.68
C PRO A 148 14.19 14.70 -4.93
N PRO A 149 15.49 15.02 -4.82
CA PRO A 149 16.23 15.45 -6.01
C PRO A 149 16.36 14.38 -7.09
N LYS A 150 16.50 13.12 -6.69
CA LYS A 150 16.50 12.01 -7.62
C LYS A 150 15.41 11.01 -7.22
N LYS A 151 14.43 10.83 -8.11
CA LYS A 151 13.37 9.83 -7.92
C LYS A 151 13.96 8.45 -8.05
N ILE A 152 13.32 7.50 -7.40
CA ILE A 152 13.77 6.13 -7.46
C ILE A 152 12.64 5.20 -7.91
N GLU A 153 12.97 3.97 -8.23
CA GLU A 153 11.93 3.03 -8.65
C GLU A 153 12.48 1.63 -8.58
N PHE A 154 11.66 0.72 -8.04
CA PHE A 154 11.99 -0.72 -8.08
C PHE A 154 11.24 -1.35 -9.21
N LEU A 155 11.93 -2.22 -9.93
CA LEU A 155 11.31 -3.01 -10.98
C LEU A 155 10.23 -3.92 -10.40
N MET A 156 9.23 -4.22 -11.21
CA MET A 156 8.40 -5.38 -11.02
C MET A 156 9.25 -6.64 -10.95
N SER A 157 8.75 -7.62 -10.22
CA SER A 157 9.27 -8.98 -10.21
C SER A 157 8.08 -9.92 -10.14
N TRP A 158 8.27 -11.14 -10.64
CA TRP A 158 7.23 -12.15 -10.72
C TRP A 158 7.78 -13.52 -10.34
N VAL A 159 6.92 -14.38 -9.83
CA VAL A 159 7.25 -15.79 -9.68
C VAL A 159 6.80 -16.54 -10.93
N VAL A 160 7.67 -17.40 -11.45
CA VAL A 160 7.32 -18.32 -12.53
C VAL A 160 7.61 -19.80 -12.14
N GLU A 161 6.59 -20.63 -12.30
CA GLU A 161 6.71 -22.10 -12.17
C GLU A 161 7.02 -22.61 -13.55
N LEU A 162 8.23 -23.15 -13.74
CA LEU A 162 8.66 -23.62 -15.07
C LEU A 162 8.14 -25.03 -15.25
N ILE A 163 6.87 -25.11 -15.64
CA ILE A 163 6.12 -26.38 -15.59
C ILE A 163 6.53 -27.44 -16.63
N ASP A 164 7.19 -27.00 -17.71
CA ASP A 164 7.70 -27.91 -18.74
C ASP A 164 8.97 -28.60 -18.33
N ARG A 165 9.61 -28.14 -17.27
CA ARG A 165 10.85 -28.75 -16.79
C ARG A 165 10.53 -29.85 -15.82
N SER A 166 11.29 -30.93 -15.91
CA SER A 166 10.98 -32.09 -15.12
C SER A 166 11.31 -31.76 -13.67
N PRO A 167 10.44 -32.21 -12.74
CA PRO A 167 10.63 -31.93 -11.33
C PRO A 167 11.98 -32.41 -10.83
N SER A 168 12.41 -31.86 -9.71
CA SER A 168 13.72 -32.18 -9.17
C SER A 168 13.67 -33.58 -8.53
N SER A 169 14.76 -34.00 -7.87
CA SER A 169 14.80 -35.32 -7.23
C SER A 169 13.53 -35.60 -6.42
N ASN A 170 13.09 -34.59 -5.68
CA ASN A 170 11.77 -34.54 -5.12
C ASN A 170 10.83 -33.94 -6.15
N GLY A 171 9.57 -34.39 -6.11
CA GLY A 171 8.52 -33.91 -7.00
C GLY A 171 8.18 -32.43 -6.92
N GLN A 172 9.18 -31.59 -6.62
CA GLN A 172 8.98 -30.15 -6.54
C GLN A 172 9.16 -29.61 -7.94
N PRO A 173 8.15 -28.88 -8.44
CA PRO A 173 8.31 -28.16 -9.71
C PRO A 173 9.51 -27.19 -9.64
N ILE A 174 10.05 -26.85 -10.80
CA ILE A 174 11.15 -25.90 -10.88
C ILE A 174 10.55 -24.49 -10.83
N LEU A 175 11.04 -23.68 -9.89
CA LEU A 175 10.59 -22.31 -9.70
C LEU A 175 11.71 -21.32 -9.99
N CYS A 176 11.34 -20.11 -10.38
CA CYS A 176 12.29 -19.04 -10.59
C CYS A 176 11.58 -17.72 -10.33
N SER A 177 12.34 -16.62 -10.37
CA SER A 177 11.74 -15.30 -10.46
C SER A 177 12.20 -14.64 -11.74
N ILE A 178 11.37 -13.75 -12.26
CA ILE A 178 11.71 -12.99 -13.44
C ILE A 178 11.49 -11.49 -13.20
N GLU A 179 12.17 -10.66 -13.99
CA GLU A 179 12.06 -9.21 -13.83
C GLU A 179 12.55 -8.54 -15.10
N PRO A 180 12.26 -7.25 -15.29
CA PRO A 180 12.70 -6.57 -16.50
C PRO A 180 14.20 -6.47 -16.60
N LEU A 181 14.67 -6.28 -17.82
CA LEU A 181 16.10 -6.18 -18.10
C LEU A 181 16.59 -4.77 -17.82
N LEU A 182 17.58 -4.63 -16.96
CA LEU A 182 18.22 -3.35 -16.76
C LEU A 182 19.33 -3.18 -17.78
N VAL A 183 19.31 -2.08 -18.52
CA VAL A 183 20.41 -1.73 -19.42
C VAL A 183 21.31 -0.66 -18.83
N GLY A 184 22.57 -0.99 -18.63
CA GLY A 184 23.56 -0.04 -18.10
C GLY A 184 24.46 -0.68 -17.08
N GLU A 185 25.23 0.14 -16.37
CA GLU A 185 26.17 -0.36 -15.38
C GLU A 185 25.44 -0.63 -14.04
N PHE A 186 25.40 -1.91 -13.67
CA PHE A 186 24.72 -2.36 -12.48
C PHE A 186 25.64 -2.18 -11.28
N LYS A 187 25.18 -1.45 -10.27
CA LYS A 187 25.97 -1.23 -9.06
C LYS A 187 25.18 -1.50 -7.80
N LYS A 188 25.82 -2.15 -6.84
CA LYS A 188 25.26 -2.35 -5.51
C LYS A 188 25.69 -1.20 -4.59
N ASN A 189 24.74 -0.59 -3.88
CA ASN A 189 25.04 0.59 -3.10
C ASN A 189 25.17 0.34 -1.62
N ASN A 190 24.37 -0.59 -1.11
CA ASN A 190 24.57 -1.10 0.24
C ASN A 190 24.22 -2.57 0.29
N SER A 191 24.68 -3.26 1.33
CA SER A 191 24.40 -4.67 1.49
C SER A 191 23.28 -4.82 2.51
N ASN A 192 22.96 -6.05 2.89
CA ASN A 192 21.98 -6.27 3.96
C ASN A 192 22.64 -6.45 5.32
N TYR A 193 23.91 -6.09 5.42
CA TYR A 193 24.60 -6.13 6.70
C TYR A 193 25.67 -5.05 6.80
N GLY A 194 25.28 -3.82 6.47
CA GLY A 194 26.05 -2.63 6.82
C GLY A 194 27.03 -2.08 5.83
N ALA A 195 27.33 -2.82 4.77
CA ALA A 195 28.27 -2.31 3.79
C ALA A 195 27.67 -1.10 3.08
N VAL A 196 28.47 -0.07 2.92
CA VAL A 196 28.12 1.10 2.14
C VAL A 196 29.13 1.11 0.99
N LEU A 197 28.66 0.82 -0.22
CA LEU A 197 29.51 0.37 -1.30
C LEU A 197 29.76 1.41 -2.38
N THR A 198 29.02 2.50 -2.37
CA THR A 198 29.25 3.60 -3.29
C THR A 198 29.07 4.89 -2.52
N ASN A 199 29.45 6.00 -3.13
CA ASN A 199 29.39 7.30 -2.50
C ASN A 199 28.09 8.02 -2.75
N ARG A 200 27.16 7.40 -3.47
CA ARG A 200 25.91 8.09 -3.79
C ARG A 200 25.06 8.32 -2.54
N SER A 201 24.35 9.44 -2.54
CA SER A 201 23.54 9.85 -1.40
C SER A 201 22.13 9.20 -1.39
N THR A 202 21.47 9.20 -2.54
CA THR A 202 20.07 8.82 -2.67
C THR A 202 19.76 7.40 -2.12
N PRO A 203 20.58 6.38 -2.47
CA PRO A 203 20.35 5.03 -1.92
C PRO A 203 20.38 4.97 -0.41
N GLN A 204 21.32 5.68 0.21
CA GLN A 204 21.44 5.65 1.65
C GLN A 204 20.34 6.46 2.29
N ALA A 205 19.95 7.57 1.67
CA ALA A 205 18.87 8.37 2.19
C ALA A 205 17.53 7.57 2.12
N PHE A 206 17.37 6.82 1.06
CA PHE A 206 16.16 6.05 0.89
C PHE A 206 16.12 5.00 2.01
N SER A 207 17.21 4.31 2.26
CA SER A 207 17.24 3.31 3.36
C SER A 207 16.86 3.96 4.70
N HIS A 208 17.44 5.11 4.99
CA HIS A 208 17.11 5.87 6.22
C HIS A 208 15.61 6.25 6.25
N PHE A 209 15.10 6.80 5.15
CA PHE A 209 13.71 7.21 4.99
C PHE A 209 12.78 6.05 5.35
N THR A 210 13.07 4.85 4.84
CA THR A 210 12.20 3.69 5.10
C THR A 210 12.18 3.36 6.59
N TYR A 211 13.32 3.52 7.28
CA TYR A 211 13.40 3.25 8.71
C TYR A 211 12.60 4.26 9.53
N GLU A 212 12.75 5.51 9.21
CA GLU A 212 12.13 6.55 10.00
C GLU A 212 10.62 6.58 9.75
N LEU A 213 10.25 6.61 8.47
CA LEU A 213 8.86 6.76 8.10
C LEU A 213 8.00 5.54 8.36
N SER A 214 8.64 4.40 8.61
CA SER A 214 7.92 3.20 9.01
C SER A 214 7.77 3.13 10.52
N ASN A 215 8.14 4.19 11.24
CA ASN A 215 8.23 4.14 12.70
C ASN A 215 9.03 2.93 13.17
N LYS A 216 10.13 2.67 12.46
CA LYS A 216 11.11 1.64 12.80
C LYS A 216 10.60 0.19 12.70
N GLN A 217 9.51 0.02 11.98
CA GLN A 217 8.93 -1.29 11.76
C GLN A 217 9.77 -2.04 10.75
N MET A 218 10.51 -1.32 9.93
CA MET A 218 11.30 -1.98 8.88
C MET A 218 12.31 -1.07 8.23
N ILE A 219 13.21 -1.67 7.48
CA ILE A 219 14.21 -0.93 6.69
C ILE A 219 14.44 -1.65 5.39
N VAL A 220 14.59 -0.89 4.31
CA VAL A 220 14.90 -1.48 3.00
C VAL A 220 16.37 -1.24 2.75
N VAL A 221 17.10 -2.33 2.56
CA VAL A 221 18.53 -2.26 2.21
C VAL A 221 18.80 -3.16 0.99
N ASP A 222 20.07 -3.50 0.73
CA ASP A 222 20.46 -4.16 -0.55
C ASP A 222 19.99 -3.32 -1.76
N ILE A 223 20.22 -2.02 -1.68
CA ILE A 223 19.81 -1.09 -2.70
C ILE A 223 20.81 -1.17 -3.86
N GLN A 224 20.35 -1.74 -4.96
CA GLN A 224 21.20 -2.04 -6.09
C GLN A 224 20.41 -1.95 -7.38
N GLY A 225 21.11 -1.58 -8.46
CA GLY A 225 20.52 -1.56 -9.78
C GLY A 225 21.33 -0.67 -10.73
N VAL A 226 20.64 -0.03 -11.67
CA VAL A 226 21.30 0.97 -12.53
C VAL A 226 20.69 2.33 -12.35
N ASP A 227 21.48 3.32 -11.86
CA ASP A 227 20.99 4.70 -11.75
C ASP A 227 19.62 4.89 -11.09
N ASP A 228 19.45 4.46 -9.86
CA ASP A 228 18.13 4.66 -9.17
C ASP A 228 16.93 3.91 -9.79
N LEU A 229 17.24 2.95 -10.65
CA LEU A 229 16.29 1.93 -11.02
C LEU A 229 16.78 0.65 -10.35
N TYR A 230 16.06 0.20 -9.34
CA TYR A 230 16.59 -0.78 -8.41
C TYR A 230 15.87 -2.12 -8.52
N THR A 231 16.55 -3.16 -8.05
CA THR A 231 16.00 -4.49 -8.03
C THR A 231 16.64 -5.30 -6.92
N PHD A 232 16.00 -6.41 -6.59
CA PHD A 232 16.45 -7.29 -5.51
C PHD A 232 16.82 -6.61 -4.24
O PHD A 232 17.95 -6.78 -3.75
CB PHD A 232 17.66 -8.08 -6.03
CG PHD A 232 18.10 -9.18 -5.09
OD1 PHD A 232 17.25 -9.68 -4.04
OD2 PHD A 232 19.22 -9.64 -5.26
P PHD A 232 17.52 -9.90 -2.41
OP1 PHD A 232 16.13 -10.04 -1.75
OP2 PHD A 232 18.13 -11.22 -2.52
OP3 PHD A 232 18.41 -8.77 -1.89
N PRO A 233 15.90 -5.83 -3.65
CA PRO A 233 16.20 -5.31 -2.32
C PRO A 233 15.96 -6.34 -1.23
N GLN A 234 16.34 -6.00 -0.02
CA GLN A 234 16.09 -6.83 1.17
C GLN A 234 15.56 -5.98 2.30
N ILE A 235 14.56 -6.49 3.01
CA ILE A 235 13.99 -5.80 4.18
C ILE A 235 14.46 -6.47 5.48
N HIS A 236 14.84 -5.68 6.48
CA HIS A 236 14.92 -6.15 7.87
C HIS A 236 13.73 -5.62 8.67
N THR A 237 13.22 -6.44 9.58
CA THR A 237 12.21 -6.02 10.57
C THR A 237 12.69 -6.43 11.96
N PRO A 238 12.31 -5.68 12.99
CA PRO A 238 12.75 -5.98 14.34
C PRO A 238 12.41 -7.40 14.83
N ASP A 239 11.25 -7.94 14.49
CA ASP A 239 10.93 -9.30 14.94
C ASP A 239 11.58 -10.40 14.11
N GLY A 240 12.21 -10.02 13.00
CA GLY A 240 12.92 -10.96 12.14
C GLY A 240 12.07 -11.94 11.33
N LYS A 241 10.75 -11.78 11.38
CA LYS A 241 9.82 -12.70 10.73
C LYS A 241 9.47 -12.25 9.32
N GLY A 242 9.31 -13.22 8.44
CA GLY A 242 9.01 -12.96 7.05
C GLY A 242 10.16 -12.33 6.29
N PHE A 243 9.86 -11.88 5.08
CA PHE A 243 10.84 -11.20 4.24
C PHE A 243 12.12 -12.00 3.91
N GLY A 244 11.96 -13.32 3.77
CA GLY A 244 13.02 -14.17 3.27
C GLY A 244 14.13 -14.48 4.26
N LEU A 245 15.13 -15.18 3.78
CA LEU A 245 16.26 -15.54 4.64
C LEU A 245 17.28 -14.41 4.88
N GLY A 246 17.19 -13.33 4.10
CA GLY A 246 18.08 -12.19 4.28
C GLY A 246 17.62 -11.17 5.31
N ASN A 247 16.50 -11.43 5.99
CA ASN A 247 16.02 -10.59 7.09
C ASN A 247 16.80 -10.95 8.35
N LEU A 248 17.78 -10.12 8.69
CA LEU A 248 18.62 -10.27 9.87
C LEU A 248 18.11 -9.52 11.11
N GLY A 249 16.85 -9.10 11.10
CA GLY A 249 16.21 -8.57 12.30
C GLY A 249 16.90 -7.35 12.85
N LYS A 250 16.94 -7.25 14.17
CA LYS A 250 17.57 -6.08 14.83
C LYS A 250 19.05 -5.95 14.50
N ALA A 251 19.72 -7.07 14.39
CA ALA A 251 21.12 -7.09 14.00
C ALA A 251 21.35 -6.37 12.68
N GLY A 252 20.50 -6.65 11.70
CA GLY A 252 20.60 -6.01 10.38
C GLY A 252 20.30 -4.51 10.43
N ILE A 253 19.29 -4.14 11.20
CA ILE A 253 18.95 -2.75 11.40
C ILE A 253 20.11 -2.02 12.08
N ASN A 254 20.63 -2.59 13.16
CA ASN A 254 21.73 -1.95 13.90
C ASN A 254 22.99 -1.82 13.10
N LYS A 255 23.27 -2.82 12.26
CA LYS A 255 24.44 -2.75 11.41
C LYS A 255 24.30 -1.60 10.42
N PHE A 256 23.10 -1.38 9.88
CA PHE A 256 22.89 -0.23 9.01
C PHE A 256 23.16 1.10 9.73
N ILE A 257 22.69 1.20 10.96
CA ILE A 257 22.85 2.40 11.74
C ILE A 257 24.32 2.72 12.02
N THR A 258 25.12 1.70 12.34
CA THR A 258 26.51 1.94 12.71
C THR A 258 27.26 2.58 11.55
N THR A 259 26.95 2.20 10.33
CA THR A 259 27.67 2.69 9.16
C THR A 259 26.97 3.84 8.43
N HIS A 260 25.77 4.26 8.86
CA HIS A 260 25.05 5.31 8.15
C HIS A 260 25.49 6.68 8.59
N LYS A 261 25.82 7.51 7.62
CA LYS A 261 26.12 8.92 7.84
C LYS A 261 25.14 9.71 7.02
N CYS A 262 24.34 10.53 7.67
CA CYS A 262 23.32 11.25 6.96
C CYS A 262 24.03 12.16 5.96
N ASN A 263 23.35 12.40 4.85
CA ASN A 263 23.83 13.20 3.74
C ASN A 263 22.82 14.27 3.48
N ALA A 264 23.01 15.04 2.42
CA ALA A 264 22.10 16.14 2.05
C ALA A 264 20.67 15.72 1.73
N VAL A 265 20.51 14.53 1.16
CA VAL A 265 19.16 14.08 0.82
C VAL A 265 18.42 13.73 2.11
N CYS A 266 19.11 13.12 3.09
CA CYS A 266 18.52 12.88 4.43
C CYS A 266 18.01 14.19 5.02
N ALA A 267 18.84 15.22 4.97
CA ALA A 267 18.47 16.53 5.49
C ALA A 267 17.31 17.12 4.75
N LEU A 268 17.33 17.01 3.44
CA LEU A 268 16.27 17.54 2.58
C LEU A 268 14.92 16.90 2.87
N LEU A 269 14.95 15.62 3.23
CA LEU A 269 13.76 14.87 3.60
C LEU A 269 13.41 15.03 5.06
N ASP A 270 14.15 15.90 5.76
CA ASP A 270 13.90 16.23 7.15
C ASP A 270 13.98 15.01 8.08
N LEU A 271 14.89 14.11 7.77
CA LEU A 271 15.11 12.95 8.59
C LEU A 271 15.99 13.30 9.79
N ASP A 272 15.69 12.65 10.90
CA ASP A 272 16.40 12.84 12.15
C ASP A 272 17.81 12.28 12.01
N VAL A 273 18.83 13.07 12.32
CA VAL A 273 20.21 12.53 12.37
C VAL A 273 20.38 11.47 13.48
N LYS A 274 19.53 11.52 14.50
CA LYS A 274 19.54 10.48 15.53
C LYS A 274 18.55 9.43 15.04
N LEU A 275 19.04 8.21 14.76
CA LEU A 275 18.19 7.13 14.24
C LEU A 275 17.34 6.45 15.34
N GLY A 276 17.93 6.15 16.49
CA GLY A 276 17.14 5.64 17.62
C GLY A 276 16.90 4.14 17.58
N GLY A 277 16.68 3.59 18.76
CA GLY A 277 16.80 2.16 18.99
C GLY A 277 15.78 1.28 18.29
N VAL A 278 16.12 0.00 18.23
CA VAL A 278 15.24 -1.02 17.63
C VAL A 278 14.03 -1.29 18.53
N LEU A 279 12.98 -1.85 17.94
CA LEU A 279 11.80 -2.26 18.70
C LEU A 279 12.13 -3.57 19.40
N SER A 280 11.71 -3.69 20.67
CA SER A 280 11.91 -4.93 21.44
C SER A 280 10.99 -6.04 20.95
N GLY A 281 11.43 -6.71 19.89
CA GLY A 281 10.72 -7.85 19.31
C GLY A 281 9.57 -7.40 18.45
N GLY B 17 3.42 19.58 20.16
CA GLY B 17 3.20 19.73 21.62
C GLY B 17 1.82 20.28 21.92
N ILE B 18 1.25 19.85 23.05
CA ILE B 18 -0.07 20.29 23.47
C ILE B 18 -0.05 21.64 24.19
N SER B 19 -0.90 22.55 23.74
CA SER B 19 -0.99 23.90 24.32
C SER B 19 -1.66 23.89 25.71
N SER B 20 -1.32 24.90 26.52
CA SER B 20 -1.93 25.05 27.86
C SER B 20 -3.31 25.74 27.81
N GLU B 21 -3.71 26.26 26.66
CA GLU B 21 -5.04 26.90 26.52
C GLU B 21 -6.19 25.95 26.82
N THR B 22 -7.36 26.51 27.10
CA THR B 22 -8.55 25.73 27.42
C THR B 22 -9.10 24.99 26.21
N GLY B 23 -9.36 23.71 26.40
CA GLY B 23 -9.92 22.85 25.36
C GLY B 23 -10.14 21.48 25.93
N GLU B 24 -10.46 20.52 25.09
CA GLU B 24 -10.66 19.17 25.57
C GLU B 24 -9.64 18.22 24.97
N MET B 25 -9.25 17.25 25.77
CA MET B 25 -8.27 16.26 25.38
C MET B 25 -8.91 15.18 24.54
N GLY B 26 -8.10 14.55 23.70
CA GLY B 26 -8.53 13.37 22.95
C GLY B 26 -7.41 12.39 22.69
N ILE B 27 -7.76 11.12 22.56
CA ILE B 27 -6.82 10.14 22.02
C ILE B 27 -7.05 10.12 20.54
N LEU B 28 -5.97 10.28 19.79
CA LEU B 28 -5.96 10.44 18.35
C LEU B 28 -5.38 9.20 17.68
N TRP B 29 -6.08 8.65 16.69
CA TRP B 29 -5.65 7.46 15.98
C TRP B 29 -5.47 7.71 14.48
N GLU B 30 -4.25 7.42 13.98
CA GLU B 30 -3.91 7.53 12.57
C GLU B 30 -3.62 6.13 12.03
N PHE B 31 -4.25 5.76 10.92
CA PHE B 31 -3.91 4.49 10.30
C PHE B 31 -2.89 4.70 9.21
N ASP B 32 -1.86 3.87 9.20
CA ASP B 32 -0.85 3.93 8.14
C ASP B 32 -0.85 2.65 7.31
N PRO B 33 -1.41 2.73 6.09
CA PRO B 33 -1.55 1.53 5.30
C PRO B 33 -0.24 0.83 4.98
N ILE B 34 0.85 1.58 4.83
CA ILE B 34 2.06 0.98 4.33
C ILE B 34 2.75 0.08 5.36
N ILE B 35 2.52 0.31 6.65
CA ILE B 35 2.97 -0.63 7.73
C ILE B 35 1.80 -1.42 8.33
N ASN B 36 0.60 -1.15 7.85
CA ASN B 36 -0.61 -1.84 8.30
C ASN B 36 -0.82 -1.76 9.80
N LYS B 37 -0.64 -0.56 10.35
CA LYS B 37 -0.76 -0.38 11.78
C LYS B 37 -1.35 0.96 12.10
N TRP B 38 -2.04 1.02 13.22
CA TRP B 38 -2.53 2.24 13.82
C TRP B 38 -1.46 2.90 14.71
N ILE B 39 -1.42 4.22 14.64
CA ILE B 39 -0.51 5.05 15.42
C ILE B 39 -1.37 5.83 16.40
N ARG B 40 -1.04 5.75 17.69
CA ARG B 40 -1.84 6.32 18.74
C ARG B 40 -1.15 7.55 19.31
N LEU B 41 -1.89 8.64 19.40
CA LEU B 41 -1.35 9.94 19.81
C LEU B 41 -2.34 10.58 20.77
N SER B 42 -2.04 11.79 21.25
CA SER B 42 -3.03 12.59 21.96
C SER B 42 -3.17 13.95 21.28
N MET B 43 -4.28 14.63 21.49
CA MET B 43 -4.40 16.00 21.05
C MET B 43 -5.35 16.76 21.95
N LYS B 44 -5.29 18.06 21.84
CA LYS B 44 -6.24 18.96 22.50
C LYS B 44 -6.95 19.76 21.41
N LEU B 45 -8.26 19.95 21.59
CA LEU B 45 -9.09 20.62 20.60
C LEU B 45 -10.20 21.45 21.23
N LYS B 46 -10.71 22.40 20.45
CA LYS B 46 -11.83 23.21 20.86
C LYS B 46 -12.87 23.16 19.77
N VAL B 47 -14.03 22.59 20.06
CA VAL B 47 -15.04 22.35 19.03
C VAL B 47 -16.22 23.27 19.28
N GLU B 48 -16.72 23.87 18.20
CA GLU B 48 -17.88 24.72 18.30
C GLU B 48 -19.10 23.98 18.86
N ARG B 49 -19.99 24.74 19.48
CA ARG B 49 -21.15 24.18 20.16
C ARG B 49 -22.16 23.64 19.17
N LYS B 50 -22.35 24.32 18.04
CA LYS B 50 -23.35 23.93 17.05
C LYS B 50 -22.70 23.44 15.73
N PRO B 51 -23.29 22.41 15.09
CA PRO B 51 -22.74 21.95 13.83
C PRO B 51 -22.98 22.93 12.71
N PHE B 52 -22.13 22.94 11.69
CA PHE B 52 -22.33 23.78 10.51
C PHE B 52 -22.95 23.03 9.32
N ALA B 53 -23.12 21.72 9.46
CA ALA B 53 -23.68 20.92 8.39
C ALA B 53 -24.09 19.58 8.94
N GLU B 54 -24.92 18.86 8.20
CA GLU B 54 -25.28 17.50 8.58
C GLU B 54 -25.59 16.61 7.39
N GLY B 55 -25.42 15.30 7.59
CA GLY B 55 -25.78 14.30 6.61
C GLY B 55 -26.88 13.43 7.19
N ALA B 56 -27.04 12.23 6.62
CA ALA B 56 -28.06 11.30 7.09
C ALA B 56 -27.84 10.90 8.53
N LEU B 57 -26.59 10.58 8.89
CA LEU B 57 -26.28 9.99 10.20
C LEU B 57 -25.40 10.85 11.10
N ARG B 58 -24.64 11.79 10.54
CA ARG B 58 -23.65 12.54 11.31
C ARG B 58 -23.79 14.02 11.12
N GLU B 59 -23.29 14.78 12.09
CA GLU B 59 -23.16 16.23 11.96
C GLU B 59 -21.70 16.65 11.97
N ALA B 60 -21.41 17.74 11.29
CA ALA B 60 -20.06 18.27 11.22
C ALA B 60 -19.92 19.56 12.03
N TYR B 61 -18.80 19.67 12.73
CA TYR B 61 -18.54 20.79 13.64
C TYR B 61 -17.19 21.40 13.31
N HIS B 62 -17.14 22.73 13.24
CA HIS B 62 -15.85 23.40 13.15
C HIS B 62 -15.07 23.26 14.45
N THR B 63 -13.77 23.02 14.31
CA THR B 63 -12.89 22.74 15.43
C THR B 63 -11.55 23.41 15.16
N VAL B 64 -10.90 23.83 16.23
CA VAL B 64 -9.53 24.32 16.14
C VAL B 64 -8.60 23.39 16.96
N SER B 65 -7.43 23.10 16.41
CA SER B 65 -6.47 22.26 17.13
C SER B 65 -5.72 23.10 18.16
N LEU B 66 -5.55 22.53 19.34
CA LEU B 66 -4.66 23.09 20.35
C LEU B 66 -3.41 22.26 20.50
N GLY B 67 -3.03 21.53 19.44
CA GLY B 67 -1.80 20.77 19.44
C GLY B 67 -1.95 19.28 19.57
N VAL B 68 -0.90 18.58 19.15
CA VAL B 68 -0.83 17.12 19.11
C VAL B 68 0.37 16.68 19.96
N GLY B 69 0.18 15.62 20.73
CA GLY B 69 1.26 15.08 21.56
C GLY B 69 1.31 13.57 21.54
N THR B 70 2.11 12.98 22.43
CA THR B 70 2.20 11.52 22.53
C THR B 70 1.05 10.99 23.38
N ASP B 71 0.88 9.67 23.38
CA ASP B 71 -0.15 9.02 24.18
C ASP B 71 0.38 8.52 25.53
N GLU B 72 1.59 8.93 25.88
CA GLU B 72 2.28 8.43 27.07
C GLU B 72 1.48 8.55 28.37
N ASN B 73 0.76 9.66 28.55
CA ASN B 73 -0.05 9.84 29.75
C ASN B 73 -1.28 8.97 29.85
N TYR B 74 -1.68 8.35 28.74
CA TYR B 74 -2.94 7.62 28.68
C TYR B 74 -2.70 6.16 28.33
N PRO B 75 -2.12 5.39 29.25
CA PRO B 75 -1.77 4.00 28.92
C PRO B 75 -2.98 3.14 28.53
N LEU B 76 -2.72 2.15 27.69
CA LEU B 76 -3.78 1.29 27.18
C LEU B 76 -4.33 0.26 28.18
N GLY B 77 -3.49 -0.27 29.07
CA GLY B 77 -3.94 -1.33 29.97
C GLY B 77 -4.03 -2.68 29.26
N THR B 78 -4.87 -3.59 29.76
CA THR B 78 -4.86 -4.99 29.31
C THR B 78 -5.41 -5.13 27.89
N THR B 79 -4.71 -5.94 27.09
CA THR B 79 -5.06 -6.16 25.69
C THR B 79 -5.95 -7.39 25.55
N THR B 80 -7.16 -7.28 26.08
CA THR B 80 -8.23 -8.24 25.81
C THR B 80 -9.49 -7.35 25.68
N LYS B 81 -10.18 -7.44 24.53
CA LYS B 81 -11.26 -6.51 24.16
C LYS B 81 -10.74 -5.10 23.81
N LEU B 82 -9.44 -5.00 23.50
CA LEU B 82 -8.85 -3.79 22.96
C LEU B 82 -9.20 -3.77 21.48
N PHE B 83 -9.87 -2.73 20.99
CA PHE B 83 -9.93 -2.49 19.55
C PHE B 83 -9.34 -1.11 19.26
N PRO B 84 -8.32 -1.03 18.43
CA PRO B 84 -7.77 -2.17 17.68
C PRO B 84 -6.93 -3.08 18.56
N PRO B 85 -6.75 -4.35 18.15
CA PRO B 85 -5.92 -5.26 18.96
C PRO B 85 -4.47 -4.79 18.99
N ILE B 86 -3.77 -5.11 20.07
CA ILE B 86 -2.38 -4.66 20.28
C ILE B 86 -1.45 -4.96 19.09
N GLU B 87 -1.65 -6.10 18.44
CA GLU B 87 -0.83 -6.44 17.26
C GLU B 87 -1.09 -5.53 16.05
N MET B 88 -2.16 -4.74 16.06
CA MET B 88 -2.41 -3.77 14.99
C MET B 88 -1.98 -2.36 15.37
N ILE B 89 -1.30 -2.20 16.51
CA ILE B 89 -0.86 -0.88 16.98
C ILE B 89 0.64 -0.74 16.87
N SER B 90 1.11 0.36 16.27
CA SER B 90 2.52 0.65 16.19
C SER B 90 3.05 0.94 17.60
N PRO B 91 4.14 0.27 18.02
CA PRO B 91 4.73 0.65 19.34
C PRO B 91 5.34 2.04 19.37
N ILE B 92 5.63 2.60 18.19
CA ILE B 92 6.30 3.90 18.06
C ILE B 92 5.42 4.82 17.21
N SER B 93 5.40 6.11 17.55
CA SER B 93 4.54 7.09 16.90
C SER B 93 5.25 8.41 16.56
N LYS B 94 6.57 8.37 16.41
CA LYS B 94 7.38 9.56 16.13
C LYS B 94 7.03 10.20 14.79
N ASN B 95 6.66 9.37 13.82
CA ASN B 95 6.30 9.90 12.53
C ASN B 95 4.84 9.68 12.23
N ASN B 96 4.20 10.74 11.75
CA ASN B 96 2.78 10.73 11.46
C ASN B 96 2.35 12.00 10.77
N GLU B 97 1.24 11.93 10.06
CA GLU B 97 0.68 13.13 9.41
C GLU B 97 0.09 14.14 10.39
N ALA B 98 -0.47 13.67 11.51
CA ALA B 98 -1.21 14.56 12.42
C ALA B 98 -0.40 15.73 12.95
N MET B 99 0.87 15.48 13.24
CA MET B 99 1.72 16.47 13.87
C MET B 99 1.95 17.71 13.00
N THR B 100 1.83 17.55 11.68
CA THR B 100 1.86 18.74 10.81
C THR B 100 0.44 19.19 10.41
N GLN B 101 -0.42 18.26 10.04
CA GLN B 101 -1.76 18.58 9.54
C GLN B 101 -2.74 19.04 10.63
N LEU B 102 -2.45 18.72 11.89
CA LEU B 102 -3.30 19.16 12.99
C LEU B 102 -2.48 19.98 14.03
N LYS B 103 -1.46 20.68 13.56
CA LYS B 103 -0.68 21.52 14.45
C LYS B 103 -1.54 22.63 15.09
N ASN B 104 -1.02 23.19 16.18
CA ASN B 104 -1.76 24.20 16.94
C ASN B 104 -2.30 25.34 16.04
N GLY B 105 -3.57 25.68 16.17
CA GLY B 105 -4.18 26.75 15.37
C GLY B 105 -4.97 26.28 14.15
N THR B 106 -4.73 25.05 13.70
CA THR B 106 -5.36 24.51 12.51
C THR B 106 -6.86 24.40 12.65
N LYS B 107 -7.60 24.87 11.65
CA LYS B 107 -9.05 24.73 11.65
C LYS B 107 -9.40 23.44 10.95
N PHE B 108 -10.26 22.64 11.55
CA PHE B 108 -10.59 21.36 10.95
C PHE B 108 -12.02 20.97 11.24
N VAL B 109 -12.42 19.78 10.81
CA VAL B 109 -13.79 19.35 10.91
C VAL B 109 -13.89 18.10 11.79
N LEU B 110 -14.87 18.11 12.70
CA LEU B 110 -15.18 16.95 13.53
C LEU B 110 -16.56 16.43 13.21
N LYS B 111 -16.70 15.10 13.11
CA LYS B 111 -17.98 14.49 12.80
C LYS B 111 -18.45 13.56 13.90
N LEU B 112 -19.68 13.76 14.35
CA LEU B 112 -20.31 12.97 15.41
C LEU B 112 -21.58 12.33 14.90
N TYR B 113 -21.84 11.09 15.29
CA TYR B 113 -23.11 10.46 14.98
C TYR B 113 -24.22 11.11 15.78
N LYS B 114 -25.30 11.45 15.08
CA LYS B 114 -26.48 12.03 15.71
C LYS B 114 -27.10 11.08 16.73
N LYS B 115 -27.85 11.65 17.66
CA LYS B 115 -28.61 10.88 18.64
C LYS B 115 -29.66 10.04 17.94
N ALA B 121 -23.44 2.09 15.16
CA ALA B 121 -22.12 2.70 15.20
C ALA B 121 -21.29 2.14 16.36
N SER B 122 -20.79 0.93 16.22
CA SER B 122 -19.89 0.38 17.21
C SER B 122 -18.52 1.06 17.14
N ARG B 123 -17.68 0.79 18.14
CA ARG B 123 -16.33 1.28 18.17
C ARG B 123 -15.58 0.91 16.87
N GLU B 124 -15.74 -0.35 16.49
CA GLU B 124 -15.15 -0.93 15.28
C GLU B 124 -15.46 -0.14 14.03
N LEU B 125 -16.70 0.34 13.94
CA LEU B 125 -17.11 1.09 12.77
C LEU B 125 -16.33 2.36 12.56
N TYR B 126 -15.97 3.05 13.64
CA TYR B 126 -15.22 4.31 13.48
C TYR B 126 -13.88 3.99 12.86
N PHE B 127 -13.23 2.94 13.34
CA PHE B 127 -11.95 2.57 12.83
C PHE B 127 -12.04 2.06 11.38
N GLU B 128 -13.08 1.30 11.06
CA GLU B 128 -13.25 0.79 9.70
C GLU B 128 -13.41 1.93 8.70
N ASP B 129 -14.18 2.93 9.07
CA ASP B 129 -14.48 4.02 8.15
C ASP B 129 -13.23 4.85 7.85
N VAL B 130 -12.45 5.09 8.90
CA VAL B 130 -11.20 5.83 8.76
C VAL B 130 -10.16 5.04 7.97
N LYS B 131 -9.99 3.76 8.31
CA LYS B 131 -9.13 2.90 7.52
C LYS B 131 -9.57 2.91 6.05
N MET B 132 -10.90 2.92 5.82
CA MET B 132 -11.43 2.95 4.45
C MET B 132 -10.97 4.18 3.67
N GLN B 133 -11.01 5.32 4.33
CA GLN B 133 -10.58 6.55 3.71
C GLN B 133 -9.07 6.53 3.38
N MET B 134 -8.26 5.95 4.27
CA MET B 134 -6.84 5.78 3.99
C MET B 134 -6.58 4.85 2.82
N VAL B 135 -7.38 3.81 2.65
CA VAL B 135 -7.23 2.93 1.51
C VAL B 135 -7.58 3.68 0.20
N CYS B 136 -8.63 4.49 0.25
CA CYS B 136 -9.01 5.26 -0.92
C CYS B 136 -7.93 6.27 -1.29
N ARG B 137 -7.32 6.86 -0.26
CA ARG B 137 -6.21 7.80 -0.43
C ARG B 137 -5.07 7.10 -1.18
N ASP B 138 -4.80 5.83 -0.87
CA ASP B 138 -3.79 5.06 -1.65
C ASP B 138 -4.21 4.89 -3.13
N TRP B 139 -5.48 4.62 -3.36
CA TRP B 139 -5.99 4.55 -4.74
C TRP B 139 -5.86 5.86 -5.52
N GLY B 140 -6.03 6.98 -4.81
CA GLY B 140 -5.82 8.30 -5.41
C GLY B 140 -4.42 8.46 -5.97
N ASN B 141 -3.40 8.07 -5.21
CA ASN B 141 -1.99 8.15 -5.63
C ASN B 141 -1.74 7.27 -6.83
N LYS B 142 -2.37 6.10 -6.83
CA LYS B 142 -2.20 5.15 -7.91
C LYS B 142 -2.80 5.66 -9.21
N PHE B 143 -3.97 6.28 -9.08
CA PHE B 143 -4.64 6.93 -10.20
C PHE B 143 -3.79 8.06 -10.76
N ASN B 144 -3.28 8.89 -9.87
CA ASN B 144 -2.43 10.03 -10.27
C ASN B 144 -1.16 9.61 -10.98
N GLN B 145 -0.63 8.43 -10.66
CA GLN B 145 0.55 7.93 -11.34
C GLN B 145 0.31 7.67 -12.82
N LYS B 146 -0.93 7.44 -13.22
CA LYS B 146 -1.26 7.35 -14.65
C LYS B 146 -1.26 8.72 -15.37
N LYS B 147 -0.95 9.79 -14.66
CA LYS B 147 -0.92 11.13 -15.23
C LYS B 147 -2.22 11.50 -15.95
N PRO B 148 -3.33 11.47 -15.21
CA PRO B 148 -4.62 11.83 -15.78
C PRO B 148 -4.71 13.34 -15.92
N PRO B 149 -5.70 13.84 -16.66
CA PRO B 149 -5.78 15.30 -16.86
C PRO B 149 -6.00 16.09 -15.56
N LYS B 150 -6.77 15.54 -14.64
CA LYS B 150 -6.94 16.13 -13.32
C LYS B 150 -6.59 15.12 -12.22
N LYS B 151 -5.59 15.47 -11.44
CA LYS B 151 -5.17 14.67 -10.29
C LYS B 151 -6.22 14.75 -9.22
N ILE B 152 -6.28 13.72 -8.40
CA ILE B 152 -7.23 13.69 -7.31
C ILE B 152 -6.51 13.45 -6.00
N GLU B 153 -7.24 13.60 -4.90
CA GLU B 153 -6.64 13.35 -3.59
C GLU B 153 -7.73 13.23 -2.56
N PHE B 154 -7.58 12.26 -1.66
CA PHE B 154 -8.46 12.14 -0.52
C PHE B 154 -7.76 12.72 0.69
N LEU B 155 -8.52 13.46 1.50
CA LEU B 155 -8.03 13.95 2.76
C LEU B 155 -7.68 12.80 3.72
N MET B 156 -6.72 13.06 4.59
CA MET B 156 -6.57 12.29 5.83
C MET B 156 -7.86 12.30 6.63
N SER B 157 -8.08 11.24 7.39
CA SER B 157 -9.08 11.20 8.42
C SER B 157 -8.48 10.47 9.61
N TRP B 158 -9.03 10.76 10.80
CA TRP B 158 -8.53 10.20 12.07
C TRP B 158 -9.69 9.82 12.98
N VAL B 159 -9.47 8.84 13.85
CA VAL B 159 -10.39 8.57 14.94
C VAL B 159 -9.93 9.34 16.19
N VAL B 160 -10.88 9.99 16.86
CA VAL B 160 -10.64 10.64 18.17
C VAL B 160 -11.60 10.12 19.26
N GLU B 161 -11.01 9.69 20.37
CA GLU B 161 -11.75 9.35 21.57
C GLU B 161 -11.83 10.60 22.42
N LEU B 162 -13.02 11.15 22.60
CA LEU B 162 -13.19 12.41 23.34
C LEU B 162 -13.25 12.06 24.83
N ILE B 163 -12.06 11.88 25.41
CA ILE B 163 -11.90 11.30 26.74
C ILE B 163 -12.32 12.20 27.91
N ASP B 164 -12.41 13.51 27.69
CA ASP B 164 -12.95 14.45 28.68
C ASP B 164 -14.46 14.42 28.80
N ARG B 165 -15.13 13.80 27.84
CA ARG B 165 -16.60 13.71 27.88
C ARG B 165 -17.04 12.48 28.62
N SER B 166 -18.13 12.61 29.37
CA SER B 166 -18.69 11.46 30.06
C SER B 166 -19.34 10.51 29.05
N PRO B 167 -19.36 9.20 29.34
CA PRO B 167 -20.04 8.21 28.47
C PRO B 167 -21.51 8.53 28.14
N SER B 168 -21.98 8.08 26.97
CA SER B 168 -23.40 8.17 26.62
C SER B 168 -24.18 7.10 27.40
N SER B 169 -25.51 7.14 27.37
CA SER B 169 -26.36 6.21 28.11
C SER B 169 -25.96 4.76 27.80
N ASN B 170 -25.50 4.55 26.56
CA ASN B 170 -24.69 3.37 26.20
C ASN B 170 -23.80 2.88 27.37
N GLY B 171 -23.14 3.84 28.02
CA GLY B 171 -22.02 3.61 28.93
C GLY B 171 -20.73 3.44 28.15
N GLN B 172 -20.70 4.01 26.94
CA GLN B 172 -19.58 3.88 26.00
C GLN B 172 -18.78 5.18 25.90
N PRO B 173 -17.42 5.12 25.78
CA PRO B 173 -16.66 6.36 25.52
C PRO B 173 -17.13 7.08 24.24
N ILE B 174 -17.02 8.40 24.20
CA ILE B 174 -17.53 9.17 23.07
C ILE B 174 -16.48 9.20 21.99
N LEU B 175 -16.86 8.74 20.82
CA LEU B 175 -15.96 8.67 19.67
C LEU B 175 -16.44 9.60 18.57
N CYS B 176 -15.49 10.03 17.76
CA CYS B 176 -15.79 10.81 16.59
C CYS B 176 -14.70 10.54 15.54
N SER B 177 -14.87 11.12 14.35
CA SER B 177 -13.79 11.20 13.37
C SER B 177 -13.52 12.65 13.06
N ILE B 178 -12.26 12.94 12.71
CA ILE B 178 -11.88 14.28 12.34
C ILE B 178 -11.14 14.28 10.99
N GLU B 179 -11.17 15.41 10.31
CA GLU B 179 -10.50 15.52 9.02
C GLU B 179 -10.26 16.98 8.73
N PRO B 180 -9.35 17.28 7.78
CA PRO B 180 -9.12 18.67 7.45
C PRO B 180 -10.36 19.39 6.92
N LEU B 181 -10.31 20.71 6.99
CA LEU B 181 -11.40 21.56 6.53
C LEU B 181 -11.30 21.76 5.03
N LEU B 182 -12.35 21.46 4.30
CA LEU B 182 -12.42 21.81 2.89
C LEU B 182 -12.99 23.22 2.75
N VAL B 183 -12.25 24.09 2.04
CA VAL B 183 -12.77 25.40 1.67
C VAL B 183 -13.25 25.44 0.21
N GLY B 184 -14.53 25.72 0.02
CA GLY B 184 -15.12 25.82 -1.31
C GLY B 184 -16.46 25.12 -1.39
N GLU B 185 -16.98 24.97 -2.61
CA GLU B 185 -18.30 24.39 -2.81
C GLU B 185 -18.20 22.87 -2.78
N PHE B 186 -18.82 22.27 -1.77
CA PHE B 186 -18.78 20.84 -1.57
C PHE B 186 -19.83 20.21 -2.48
N LYS B 187 -19.42 19.26 -3.32
CA LYS B 187 -20.35 18.55 -4.18
C LYS B 187 -20.18 17.05 -4.10
N LYS B 188 -21.29 16.32 -4.07
CA LYS B 188 -21.28 14.87 -4.18
C LYS B 188 -21.42 14.45 -5.65
N ASN B 189 -20.55 13.55 -6.13
CA ASN B 189 -20.52 13.22 -7.56
C ASN B 189 -21.15 11.89 -7.92
N ASN B 190 -21.04 10.90 -7.03
CA ASN B 190 -21.84 9.69 -7.10
C ASN B 190 -22.20 9.20 -5.72
N SER B 191 -23.20 8.31 -5.63
CA SER B 191 -23.62 7.76 -4.35
C SER B 191 -23.01 6.38 -4.23
N ASN B 192 -23.36 5.66 -3.17
CA ASN B 192 -22.94 4.27 -3.04
C ASN B 192 -23.98 3.28 -3.54
N TYR B 193 -24.95 3.76 -4.31
CA TYR B 193 -25.91 2.87 -4.93
C TYR B 193 -26.40 3.43 -6.28
N GLY B 194 -25.44 3.81 -7.10
CA GLY B 194 -25.70 4.03 -8.51
C GLY B 194 -25.99 5.44 -8.97
N ALA B 195 -26.26 6.36 -8.05
CA ALA B 195 -26.55 7.72 -8.47
C ALA B 195 -25.33 8.36 -9.10
N VAL B 196 -25.54 9.08 -10.21
CA VAL B 196 -24.53 9.90 -10.83
C VAL B 196 -25.05 11.31 -10.72
N LEU B 197 -24.39 12.14 -9.92
CA LEU B 197 -25.00 13.38 -9.44
C LEU B 197 -24.45 14.67 -10.04
N THR B 198 -23.35 14.59 -10.76
CA THR B 198 -22.80 15.75 -11.45
C THR B 198 -22.32 15.28 -12.82
N ASN B 199 -21.98 16.26 -13.66
CA ASN B 199 -21.55 16.01 -15.03
C ASN B 199 -20.06 15.78 -15.18
N ARG B 200 -19.31 15.90 -14.09
CA ARG B 200 -17.85 15.84 -14.18
C ARG B 200 -17.37 14.42 -14.57
N SER B 201 -16.28 14.37 -15.32
CA SER B 201 -15.74 13.11 -15.83
C SER B 201 -14.83 12.40 -14.83
N THR B 202 -13.94 13.16 -14.19
CA THR B 202 -12.87 12.60 -13.35
C THR B 202 -13.37 11.70 -12.21
N PRO B 203 -14.39 12.13 -11.42
CA PRO B 203 -14.94 11.28 -10.38
C PRO B 203 -15.42 9.95 -10.87
N GLN B 204 -16.12 9.94 -12.00
CA GLN B 204 -16.68 8.69 -12.50
C GLN B 204 -15.57 7.82 -13.11
N ALA B 205 -14.60 8.45 -13.75
CA ALA B 205 -13.46 7.72 -14.31
C ALA B 205 -12.64 7.07 -13.15
N PHE B 206 -12.52 7.79 -12.05
CA PHE B 206 -11.80 7.26 -10.90
C PHE B 206 -12.53 6.04 -10.37
N SER B 207 -13.84 6.11 -10.18
CA SER B 207 -14.60 4.94 -9.70
C SER B 207 -14.40 3.73 -10.62
N HIS B 208 -14.49 3.96 -11.93
CA HIS B 208 -14.28 2.91 -12.93
C HIS B 208 -12.85 2.34 -12.84
N PHE B 209 -11.86 3.23 -12.76
CA PHE B 209 -10.46 2.87 -12.61
C PHE B 209 -10.27 1.91 -11.43
N THR B 210 -10.87 2.24 -10.28
CA THR B 210 -10.69 1.40 -9.11
C THR B 210 -11.30 0.01 -9.36
N TYR B 211 -12.41 -0.05 -10.08
CA TYR B 211 -13.06 -1.34 -10.35
C TYR B 211 -12.26 -2.22 -11.31
N GLU B 212 -11.73 -1.61 -12.36
CA GLU B 212 -11.02 -2.39 -13.34
C GLU B 212 -9.64 -2.80 -12.80
N LEU B 213 -8.88 -1.84 -12.28
CA LEU B 213 -7.52 -2.08 -11.82
C LEU B 213 -7.41 -2.90 -10.55
N SER B 214 -8.50 -3.03 -9.80
CA SER B 214 -8.52 -3.94 -8.67
C SER B 214 -8.93 -5.36 -9.07
N ASN B 215 -9.07 -5.63 -10.38
CA ASN B 215 -9.64 -6.88 -10.86
C ASN B 215 -10.98 -7.18 -10.20
N LYS B 216 -11.78 -6.13 -10.03
CA LYS B 216 -13.17 -6.23 -9.56
C LYS B 216 -13.29 -6.67 -8.12
N GLN B 217 -12.21 -6.52 -7.36
CA GLN B 217 -12.20 -6.90 -5.99
C GLN B 217 -12.68 -5.76 -5.10
N MET B 218 -12.77 -4.57 -5.70
CA MET B 218 -13.37 -3.46 -5.01
C MET B 218 -13.70 -2.31 -5.95
N ILE B 219 -14.50 -1.39 -5.44
CA ILE B 219 -14.78 -0.16 -6.15
C ILE B 219 -14.91 0.95 -5.14
N VAL B 220 -14.41 2.12 -5.50
CA VAL B 220 -14.53 3.29 -4.64
C VAL B 220 -15.62 4.17 -5.23
N VAL B 221 -16.66 4.38 -4.45
CA VAL B 221 -17.74 5.28 -4.83
C VAL B 221 -17.99 6.30 -3.69
N ASP B 222 -19.16 6.97 -3.71
CA ASP B 222 -19.39 8.15 -2.80
C ASP B 222 -18.29 9.18 -2.97
N ILE B 223 -17.98 9.49 -4.22
CA ILE B 223 -16.94 10.43 -4.52
C ILE B 223 -17.47 11.84 -4.36
N GLN B 224 -16.97 12.53 -3.34
CA GLN B 224 -17.49 13.81 -2.95
C GLN B 224 -16.42 14.64 -2.30
N GLY B 225 -16.54 15.95 -2.50
CA GLY B 225 -15.63 16.89 -1.88
C GLY B 225 -15.67 18.25 -2.57
N VAL B 226 -14.55 18.96 -2.54
CA VAL B 226 -14.40 20.26 -3.18
C VAL B 226 -13.39 20.12 -4.30
N ASP B 227 -13.86 20.30 -5.54
CA ASP B 227 -13.08 20.06 -6.75
C ASP B 227 -12.65 18.56 -6.72
N ASP B 228 -11.37 18.29 -6.87
CA ASP B 228 -10.89 16.91 -6.79
C ASP B 228 -10.11 16.67 -5.50
N LEU B 229 -10.55 17.33 -4.41
CA LEU B 229 -10.09 17.01 -3.08
C LEU B 229 -11.29 16.37 -2.42
N TYR B 230 -11.19 15.07 -2.17
CA TYR B 230 -12.35 14.27 -1.77
C TYR B 230 -12.27 13.81 -0.31
N THR B 231 -13.43 13.44 0.22
CA THR B 231 -13.53 12.92 1.57
C THR B 231 -14.76 12.03 1.70
N PHD B 232 -14.81 11.27 2.78
CA PHD B 232 -15.88 10.31 3.02
C PHD B 232 -16.29 9.44 1.83
O PHD B 232 -17.45 9.42 1.45
CB PHD B 232 -17.11 11.06 3.55
CG PHD B 232 -18.01 10.00 4.13
OD1 PHD B 232 -19.41 9.96 4.12
OD2 PHD B 232 -17.56 8.97 4.61
P PHD B 232 -19.90 8.39 4.06
OP1 PHD B 232 -21.34 8.64 4.35
OP2 PHD B 232 -19.33 7.54 5.16
OP3 PHD B 232 -19.45 7.79 2.72
N PRO B 233 -15.34 8.69 1.26
CA PRO B 233 -15.73 7.75 0.22
C PRO B 233 -16.27 6.47 0.79
N GLN B 234 -16.82 5.64 -0.06
CA GLN B 234 -17.29 4.31 0.34
C GLN B 234 -16.78 3.25 -0.64
N ILE B 235 -16.34 2.13 -0.10
CA ILE B 235 -15.89 1.01 -0.90
C ILE B 235 -16.93 -0.12 -0.89
N HIS B 236 -17.20 -0.69 -2.07
CA HIS B 236 -17.86 -2.00 -2.16
C HIS B 236 -16.85 -3.08 -2.49
N THR B 237 -17.01 -4.26 -1.87
CA THR B 237 -16.27 -5.45 -2.24
C THR B 237 -17.25 -6.58 -2.52
N PRO B 238 -16.86 -7.54 -3.37
CA PRO B 238 -17.78 -8.62 -3.73
C PRO B 238 -18.28 -9.44 -2.53
N ASP B 239 -17.44 -9.71 -1.54
CA ASP B 239 -17.92 -10.49 -0.39
C ASP B 239 -18.74 -9.66 0.61
N GLY B 240 -18.75 -8.35 0.43
CA GLY B 240 -19.53 -7.46 1.30
C GLY B 240 -19.02 -7.26 2.71
N LYS B 241 -17.85 -7.82 3.02
CA LYS B 241 -17.30 -7.80 4.37
C LYS B 241 -16.31 -6.66 4.59
N GLY B 242 -16.31 -6.13 5.81
CA GLY B 242 -15.50 -4.98 6.13
C GLY B 242 -16.05 -3.73 5.46
N PHE B 243 -15.24 -2.67 5.52
CA PHE B 243 -15.54 -1.39 4.88
C PHE B 243 -16.89 -0.76 5.27
N GLY B 244 -17.27 -0.98 6.52
CA GLY B 244 -18.41 -0.26 7.13
C GLY B 244 -19.78 -0.76 6.70
N LEU B 245 -20.80 -0.05 7.14
CA LEU B 245 -22.18 -0.43 6.81
C LEU B 245 -22.60 -0.05 5.40
N GLY B 246 -21.87 0.82 4.73
CA GLY B 246 -22.19 1.23 3.37
C GLY B 246 -21.64 0.35 2.24
N ASN B 247 -20.98 -0.76 2.62
CA ASN B 247 -20.49 -1.74 1.65
C ASN B 247 -21.66 -2.65 1.26
N LEU B 248 -22.25 -2.37 0.11
CA LEU B 248 -23.37 -3.13 -0.44
C LEU B 248 -22.98 -4.25 -1.38
N GLY B 249 -21.72 -4.68 -1.33
CA GLY B 249 -21.31 -5.92 -1.96
C GLY B 249 -21.51 -5.89 -3.47
N LYS B 250 -21.85 -7.06 -4.03
CA LYS B 250 -22.08 -7.18 -5.49
C LYS B 250 -23.21 -6.29 -5.96
N ALA B 251 -24.23 -6.14 -5.13
CA ALA B 251 -25.33 -5.25 -5.44
C ALA B 251 -24.84 -3.84 -5.72
N GLY B 252 -23.95 -3.34 -4.85
CA GLY B 252 -23.43 -1.97 -5.01
C GLY B 252 -22.58 -1.84 -6.26
N ILE B 253 -21.76 -2.85 -6.50
CA ILE B 253 -20.93 -2.88 -7.69
C ILE B 253 -21.81 -2.89 -8.96
N ASN B 254 -22.79 -3.80 -8.98
CA ASN B 254 -23.66 -3.91 -10.16
C ASN B 254 -24.46 -2.65 -10.41
N LYS B 255 -24.89 -1.99 -9.34
CA LYS B 255 -25.63 -0.76 -9.49
C LYS B 255 -24.75 0.33 -10.09
N PHE B 256 -23.46 0.40 -9.71
CA PHE B 256 -22.54 1.35 -10.34
C PHE B 256 -22.38 1.11 -11.84
N ILE B 257 -22.31 -0.16 -12.21
CA ILE B 257 -22.18 -0.55 -13.61
C ILE B 257 -23.38 -0.15 -14.46
N THR B 258 -24.59 -0.36 -13.95
CA THR B 258 -25.78 -0.12 -14.75
C THR B 258 -25.87 1.35 -15.12
N THR B 259 -25.44 2.24 -14.23
CA THR B 259 -25.53 3.68 -14.50
C THR B 259 -24.26 4.30 -15.02
N HIS B 260 -23.17 3.55 -15.13
CA HIS B 260 -21.91 4.16 -15.58
C HIS B 260 -21.85 4.27 -17.09
N LYS B 261 -21.51 5.46 -17.56
CA LYS B 261 -21.28 5.69 -18.96
C LYS B 261 -19.88 6.26 -19.09
N CYS B 262 -19.02 5.54 -19.82
CA CYS B 262 -17.63 5.92 -19.90
C CYS B 262 -17.55 7.27 -20.54
N ASN B 263 -16.49 7.99 -20.19
CA ASN B 263 -16.20 9.32 -20.68
C ASN B 263 -14.80 9.36 -21.23
N ALA B 264 -14.31 10.54 -21.60
CA ALA B 264 -12.96 10.70 -22.16
C ALA B 264 -11.82 10.33 -21.23
N VAL B 265 -11.99 10.53 -19.92
CA VAL B 265 -10.92 10.18 -18.99
C VAL B 265 -10.82 8.65 -18.91
N CYS B 266 -11.95 7.95 -18.89
CA CYS B 266 -11.99 6.47 -18.96
C CYS B 266 -11.17 6.00 -20.18
N ALA B 267 -11.42 6.59 -21.33
CA ALA B 267 -10.69 6.23 -22.56
C ALA B 267 -9.22 6.54 -22.44
N LEU B 268 -8.91 7.72 -21.90
CA LEU B 268 -7.53 8.16 -21.72
C LEU B 268 -6.72 7.22 -20.81
N LEU B 269 -7.40 6.62 -19.82
CA LEU B 269 -6.81 5.63 -18.91
C LEU B 269 -6.88 4.20 -19.47
N ASP B 270 -7.35 4.08 -20.71
CA ASP B 270 -7.43 2.82 -21.40
C ASP B 270 -8.31 1.78 -20.70
N LEU B 271 -9.37 2.26 -20.07
CA LEU B 271 -10.33 1.40 -19.43
C LEU B 271 -11.30 0.82 -20.43
N ASP B 272 -11.73 -0.40 -20.15
CA ASP B 272 -12.69 -1.11 -20.98
C ASP B 272 -14.02 -0.35 -21.11
N VAL B 273 -14.37 0.03 -22.35
CA VAL B 273 -15.48 0.96 -22.62
C VAL B 273 -16.82 0.42 -22.16
N LYS B 274 -16.91 -0.90 -22.02
CA LYS B 274 -17.91 -1.49 -21.12
C LYS B 274 -17.34 -2.47 -20.07
N LEU B 275 -17.94 -2.44 -18.89
CA LEU B 275 -17.41 -3.13 -17.70
C LEU B 275 -17.80 -4.59 -17.57
N GLY B 276 -16.96 -5.35 -16.89
CA GLY B 276 -17.25 -6.73 -16.55
C GLY B 276 -17.90 -6.78 -15.19
ZN ZN C . 20.39 9.62 7.02
O5' ADN D . 24.69 -10.95 -9.28
C5' ADN D . 23.70 -10.01 -9.65
C4' ADN D . 24.08 -9.51 -11.02
O4' ADN D . 23.17 -9.92 -12.04
C3' ADN D . 24.14 -7.99 -11.02
O3' ADN D . 25.43 -7.51 -10.64
C2' ADN D . 23.82 -7.66 -12.45
O2' ADN D . 25.03 -7.65 -13.22
C1' ADN D . 22.91 -8.78 -12.88
N9 ADN D . 21.47 -8.43 -12.77
C8 ADN D . 20.61 -8.71 -11.75
N7 ADN D . 19.34 -8.27 -12.05
C5 ADN D . 19.40 -7.71 -13.27
C6 ADN D . 18.45 -7.06 -14.21
N6 ADN D . 17.15 -6.90 -13.89
N1 ADN D . 18.93 -6.63 -15.40
C2 ADN D . 20.24 -6.76 -15.75
N3 ADN D . 21.13 -7.34 -14.94
C4 ADN D . 20.79 -7.82 -13.73
P PO4 E . 21.62 -13.87 -4.91
O1 PO4 E . 20.27 -14.43 -4.67
O2 PO4 E . 22.47 -14.02 -3.69
O3 PO4 E . 21.54 -12.46 -5.34
O4 PO4 E . 22.29 -14.62 -6.03
P PO4 F . 23.44 10.81 -5.78
O1 PO4 F . 22.78 11.96 -6.44
O2 PO4 F . 24.63 11.13 -4.92
O3 PO4 F . 22.36 10.29 -4.88
O4 PO4 F . 23.97 9.85 -6.81
ZN ZN G . -15.69 4.37 -17.58
O5' ADN H . -21.14 15.90 7.06
C5' ADN H . -21.61 15.97 5.69
C4' ADN H . -21.67 17.42 5.13
O4' ADN H . -20.72 18.26 5.78
C3' ADN H . -21.36 17.52 3.63
O3' ADN H . -22.53 17.62 2.83
C2' ADN H . -20.47 18.74 3.46
O2' ADN H . -21.19 19.89 2.97
C1' ADN H . -19.92 18.99 4.83
N9 ADN H . -18.54 18.48 4.94
C8 ADN H . -18.20 17.18 5.06
N7 ADN H . -16.87 17.04 5.18
C5 ADN H . -16.33 18.25 5.13
C6 ADN H . -14.97 18.79 5.21
N6 ADN H . -13.91 17.96 5.36
N1 ADN H . -14.83 20.11 5.14
C2 ADN H . -15.89 20.93 5.00
N3 ADN H . -17.15 20.50 4.90
C4 ADN H . -17.44 19.19 4.97
P PO4 I . -23.30 10.93 6.88
O1 PO4 I . -24.52 11.44 7.56
O2 PO4 I . -22.17 11.90 7.09
O3 PO4 I . -23.00 9.55 7.38
O4 PO4 I . -23.63 10.89 5.42
P PO4 J . -13.86 17.16 -15.20
O1 PO4 J . -14.17 18.24 -14.22
O2 PO4 J . -15.06 16.64 -15.92
O3 PO4 J . -13.38 15.92 -14.50
O4 PO4 J . -12.75 17.74 -16.03
C1 PGE K . -19.96 1.87 -20.27
O1 PGE K . -19.57 0.65 -19.60
C2 PGE K . -20.70 1.57 -21.56
O2 PGE K . -21.15 2.83 -22.06
C3 PGE K . -22.55 2.88 -22.40
C4 PGE K . -22.69 2.85 -23.91
O4 PGE K . -20.62 1.21 -27.13
C6 PGE K . -19.84 1.66 -26.02
C5 PGE K . -20.64 2.66 -25.18
O3 PGE K . -21.70 1.99 -24.48
#